data_6NFT
#
_entry.id   6NFT
#
_cell.length_a   61.870
_cell.length_b   85.040
_cell.length_c   59.840
_cell.angle_alpha   90.000
_cell.angle_beta   99.000
_cell.angle_gamma   90.000
#
_symmetry.space_group_name_H-M   'C 1 2 1'
#
loop_
_entity.id
_entity.type
_entity.pdbx_description
1 polymer 'Ubiquitin carboxyl-terminal hydrolase 5'
2 non-polymer 'ZINC ION'
3 non-polymer '(4-oxoquinazolin-3(4H)-yl)acetic acid'
4 non-polymer 1,2-ETHANEDIOL
5 non-polymer 'UNKNOWN ATOM OR ION'
6 water water
#
_entity_poly.entity_id   1
_entity_poly.type   'polypeptide(L)'
_entity_poly.pdbx_seq_one_letter_code
;GGEVRQVSKHAFSLKQLDNPARIPPCGWKCSKCDMRENLWLNLTDGSILCGRRYFDGSGGNNHAVEHYRETGYPLAVKLG
TITPDGADVYSYDEDDMVLDPSLAEHLSHFGIDMLKMQKTD
;
_entity_poly.pdbx_strand_id   A,B
#
# COMPACT_ATOMS: atom_id res chain seq x y z
N GLY A 2 22.54 -17.95 -20.44
CA GLY A 2 21.84 -17.11 -21.45
C GLY A 2 20.71 -16.28 -20.86
N GLU A 3 20.03 -15.54 -21.73
CA GLU A 3 19.08 -14.44 -21.37
C GLU A 3 17.80 -15.02 -20.76
N VAL A 4 17.37 -16.23 -21.17
CA VAL A 4 16.08 -16.82 -20.66
C VAL A 4 16.26 -17.17 -19.19
N ARG A 5 15.25 -16.89 -18.37
CA ARG A 5 15.27 -17.28 -16.94
C ARG A 5 14.92 -18.76 -16.83
N GLN A 6 15.85 -19.50 -16.26
CA GLN A 6 15.75 -20.95 -16.06
C GLN A 6 15.09 -21.23 -14.71
N VAL A 7 14.49 -22.41 -14.56
CA VAL A 7 13.89 -22.84 -13.27
C VAL A 7 14.99 -22.96 -12.22
N SER A 8 14.81 -22.31 -11.06
CA SER A 8 15.70 -22.46 -9.90
C SER A 8 15.64 -23.90 -9.40
N LYS A 9 16.79 -24.45 -9.02
CA LYS A 9 16.86 -25.82 -8.45
C LYS A 9 16.21 -25.80 -7.07
N HIS A 10 15.95 -24.61 -6.49
CA HIS A 10 15.34 -24.46 -5.15
C HIS A 10 13.82 -24.36 -5.22
N ALA A 11 13.22 -24.17 -6.39
CA ALA A 11 11.81 -23.68 -6.50
C ALA A 11 10.88 -24.76 -5.96
N PHE A 12 11.07 -26.01 -6.37
CA PHE A 12 10.11 -27.10 -6.10
C PHE A 12 10.05 -27.40 -4.59
N SER A 13 11.18 -27.49 -3.91
CA SER A 13 11.25 -27.95 -2.50
C SER A 13 11.47 -26.80 -1.53
N LEU A 14 11.31 -25.55 -1.96
CA LEU A 14 11.63 -24.39 -1.10
C LEU A 14 10.96 -24.52 0.26
N LYS A 15 11.75 -24.36 1.31
CA LYS A 15 11.34 -24.21 2.73
C LYS A 15 10.68 -22.85 2.91
N GLN A 16 9.43 -22.79 3.37
CA GLN A 16 8.82 -21.52 3.81
C GLN A 16 8.48 -21.68 5.29
N LEU A 17 8.97 -20.80 6.12
CA LEU A 17 8.81 -20.93 7.59
C LEU A 17 7.35 -20.69 7.98
N ASP A 18 6.94 -21.31 9.08
CA ASP A 18 5.59 -21.14 9.64
C ASP A 18 5.42 -19.74 10.26
N ASN A 19 4.16 -19.38 10.46
CA ASN A 19 3.73 -18.10 11.05
C ASN A 19 4.29 -16.92 10.27
N PRO A 20 4.15 -16.90 8.92
CA PRO A 20 4.65 -15.77 8.13
C PRO A 20 3.82 -14.50 8.37
N ALA A 21 4.43 -13.35 8.14
CA ALA A 21 3.79 -12.03 8.10
C ALA A 21 2.79 -11.98 6.94
N ARG A 22 1.75 -11.20 7.10
CA ARG A 22 0.90 -10.83 5.97
C ARG A 22 1.62 -9.68 5.28
N ILE A 23 2.11 -9.90 4.08
CA ILE A 23 2.85 -8.85 3.34
C ILE A 23 1.83 -8.00 2.62
N PRO A 24 1.84 -6.66 2.83
CA PRO A 24 0.84 -5.79 2.21
C PRO A 24 1.14 -5.56 0.73
N PRO A 25 0.19 -4.98 0.00
CA PRO A 25 0.35 -4.75 -1.44
C PRO A 25 1.21 -3.52 -1.78
N CYS A 26 1.60 -2.73 -0.78
CA CYS A 26 2.38 -1.50 -0.99
C CYS A 26 2.94 -1.03 0.34
N GLY A 27 3.86 -0.06 0.27
CA GLY A 27 4.27 0.76 1.43
C GLY A 27 5.40 0.16 2.25
N TRP A 28 6.16 -0.77 1.69
CA TRP A 28 7.22 -1.51 2.40
C TRP A 28 8.42 -0.61 2.64
N LYS A 29 9.25 -1.01 3.59
CA LYS A 29 10.54 -0.39 3.91
C LYS A 29 11.52 -1.52 4.17
N CYS A 30 12.79 -1.33 3.80
CA CYS A 30 13.89 -2.19 4.27
C CYS A 30 13.82 -2.23 5.81
N SER A 31 13.90 -3.40 6.42
CA SER A 31 13.86 -3.47 7.90
C SER A 31 15.21 -3.03 8.48
N LYS A 32 16.23 -2.82 7.66
CA LYS A 32 17.59 -2.43 8.13
C LYS A 32 17.96 -0.99 7.78
N CYS A 33 17.24 -0.32 6.88
CA CYS A 33 17.57 1.10 6.54
C CYS A 33 16.31 1.82 6.06
N ASP A 34 16.43 3.04 5.53
CA ASP A 34 15.24 3.86 5.20
C ASP A 34 14.71 3.56 3.80
N MET A 35 15.30 2.63 3.05
CA MET A 35 14.94 2.49 1.62
C MET A 35 13.49 2.01 1.45
N ARG A 36 12.76 2.63 0.51
CA ARG A 36 11.35 2.30 0.19
C ARG A 36 11.22 1.84 -1.26
N GLU A 37 12.36 1.74 -1.96
CA GLU A 37 12.41 1.20 -3.33
C GLU A 37 13.47 0.10 -3.38
N ASN A 38 13.46 -0.72 -4.40
CA ASN A 38 14.48 -1.79 -4.57
C ASN A 38 14.47 -2.72 -3.35
N LEU A 39 13.31 -3.26 -3.03
CA LEU A 39 13.11 -4.13 -1.85
C LEU A 39 12.79 -5.53 -2.32
N TRP A 40 13.41 -6.47 -1.64
CA TRP A 40 13.38 -7.91 -1.95
C TRP A 40 12.78 -8.68 -0.76
N LEU A 41 11.74 -9.42 -1.05
CA LEU A 41 11.02 -10.28 -0.09
C LEU A 41 11.63 -11.68 -0.16
N ASN A 42 12.27 -12.12 0.91
CA ASN A 42 12.86 -13.47 0.92
C ASN A 42 11.71 -14.47 1.04
N LEU A 43 11.65 -15.42 0.13
CA LEU A 43 10.47 -16.32 0.06
C LEU A 43 10.53 -17.35 1.19
N THR A 44 11.68 -17.57 1.85
CA THR A 44 11.69 -18.51 3.00
C THR A 44 11.10 -17.83 4.24
N ASP A 45 11.55 -16.63 4.56
CA ASP A 45 11.23 -16.03 5.88
C ASP A 45 10.38 -14.76 5.81
N GLY A 46 10.11 -14.22 4.62
CA GLY A 46 9.34 -12.98 4.48
C GLY A 46 10.08 -11.74 4.91
N SER A 47 11.41 -11.78 5.09
CA SER A 47 12.21 -10.56 5.34
C SER A 47 12.07 -9.62 4.15
N ILE A 48 12.05 -8.32 4.39
CA ILE A 48 11.99 -7.27 3.34
C ILE A 48 13.24 -6.44 3.48
N LEU A 49 14.15 -6.59 2.52
CA LEU A 49 15.48 -5.97 2.62
C LEU A 49 15.91 -5.42 1.26
N CYS A 50 16.72 -4.37 1.30
CA CYS A 50 17.09 -3.64 0.06
C CYS A 50 18.10 -4.42 -0.80
N GLY A 51 18.09 -4.04 -2.08
CA GLY A 51 18.84 -4.66 -3.18
C GLY A 51 20.34 -4.38 -3.12
N ARG A 52 21.07 -5.10 -3.94
CA ARG A 52 22.54 -5.04 -3.97
C ARG A 52 23.05 -3.64 -4.31
N ARG A 53 24.18 -3.27 -3.70
CA ARG A 53 25.04 -2.18 -4.20
C ARG A 53 25.89 -2.75 -5.31
N TYR A 54 25.75 -2.20 -6.52
CA TYR A 54 26.55 -2.59 -7.70
C TYR A 54 27.91 -1.86 -7.64
N PHE A 55 28.88 -2.34 -8.43
CA PHE A 55 30.23 -1.78 -8.36
C PHE A 55 30.27 -0.35 -8.92
N ASP A 56 29.30 0.09 -9.73
CA ASP A 56 29.25 1.50 -10.20
C ASP A 56 28.68 2.42 -9.10
N GLY A 57 28.27 1.86 -7.94
CA GLY A 57 27.72 2.61 -6.81
C GLY A 57 26.21 2.78 -6.88
N SER A 58 25.54 2.19 -7.87
CA SER A 58 24.07 2.20 -8.04
C SER A 58 23.48 1.10 -7.17
N GLY A 59 22.17 1.14 -6.93
CA GLY A 59 21.43 0.08 -6.22
C GLY A 59 21.26 0.43 -4.76
N GLY A 60 20.99 -0.58 -3.94
CA GLY A 60 20.65 -0.38 -2.53
C GLY A 60 21.84 -0.52 -1.59
N ASN A 61 21.55 -0.89 -0.35
CA ASN A 61 22.54 -0.96 0.75
C ASN A 61 22.89 -2.42 1.07
N ASN A 62 22.60 -3.36 0.17
CA ASN A 62 23.06 -4.77 0.22
C ASN A 62 22.44 -5.54 1.36
N HIS A 63 21.35 -5.07 1.95
CA HIS A 63 20.80 -5.75 3.16
C HIS A 63 20.23 -7.11 2.80
N ALA A 64 19.62 -7.27 1.64
CA ALA A 64 19.10 -8.59 1.25
C ALA A 64 20.27 -9.58 1.03
N VAL A 65 21.34 -9.17 0.36
CA VAL A 65 22.51 -10.07 0.12
CA VAL A 65 22.55 -10.02 0.13
C VAL A 65 23.14 -10.43 1.48
N GLU A 66 23.24 -9.48 2.41
CA GLU A 66 23.86 -9.75 3.75
C GLU A 66 23.00 -10.78 4.48
N HIS A 67 21.69 -10.69 4.33
CA HIS A 67 20.76 -11.63 5.01
C HIS A 67 20.94 -13.04 4.40
N TYR A 68 21.12 -13.12 3.09
CA TYR A 68 21.43 -14.41 2.42
C TYR A 68 22.72 -15.01 2.99
N ARG A 69 23.74 -14.20 3.16
CA ARG A 69 25.04 -14.71 3.69
C ARG A 69 24.81 -15.35 5.08
N GLU A 70 23.90 -14.78 5.88
CA GLU A 70 23.64 -15.24 7.28
C GLU A 70 22.71 -16.43 7.30
N THR A 71 21.75 -16.56 6.36
CA THR A 71 20.69 -17.60 6.44
C THR A 71 20.85 -18.70 5.39
N GLY A 72 21.42 -18.42 4.22
CA GLY A 72 21.41 -19.39 3.11
C GLY A 72 20.08 -19.48 2.39
N TYR A 73 19.09 -18.66 2.74
CA TYR A 73 17.73 -18.70 2.10
C TYR A 73 17.82 -18.06 0.72
N PRO A 74 17.69 -18.87 -0.35
CA PRO A 74 18.24 -18.46 -1.64
C PRO A 74 17.34 -17.61 -2.53
N LEU A 75 16.00 -17.68 -2.38
CA LEU A 75 15.11 -17.02 -3.36
C LEU A 75 14.49 -15.76 -2.76
N ALA A 76 14.45 -14.68 -3.54
CA ALA A 76 13.74 -13.45 -3.14
C ALA A 76 13.02 -12.89 -4.35
N VAL A 77 11.90 -12.20 -4.10
CA VAL A 77 11.06 -11.58 -5.15
C VAL A 77 11.12 -10.06 -4.95
N LYS A 78 11.21 -9.32 -6.04
CA LYS A 78 11.27 -7.85 -5.95
C LYS A 78 9.85 -7.34 -5.74
N LEU A 79 9.63 -6.67 -4.62
CA LEU A 79 8.33 -6.05 -4.33
C LEU A 79 8.07 -4.93 -5.34
N GLY A 80 6.83 -4.84 -5.80
CA GLY A 80 6.51 -3.89 -6.87
C GLY A 80 6.57 -4.52 -8.26
N THR A 81 7.08 -5.74 -8.42
CA THR A 81 7.15 -6.42 -9.74
C THR A 81 6.12 -7.54 -9.84
N ILE A 82 5.35 -7.77 -8.79
CA ILE A 82 4.41 -8.90 -8.78
C ILE A 82 3.18 -8.50 -9.57
N THR A 83 2.81 -9.30 -10.57
CA THR A 83 1.60 -9.08 -11.41
C THR A 83 0.94 -10.42 -11.65
N PRO A 84 -0.23 -10.45 -12.31
CA PRO A 84 -0.80 -11.72 -12.73
C PRO A 84 0.11 -12.52 -13.68
N ASP A 85 1.11 -11.90 -14.29
CA ASP A 85 1.98 -12.56 -15.29
C ASP A 85 3.29 -13.05 -14.65
N GLY A 86 3.51 -12.83 -13.35
CA GLY A 86 4.75 -13.28 -12.70
C GLY A 86 5.40 -12.21 -11.84
N ALA A 87 6.73 -12.27 -11.69
CA ALA A 87 7.52 -11.36 -10.82
C ALA A 87 9.00 -11.54 -11.12
N ASP A 88 9.82 -10.60 -10.66
CA ASP A 88 11.29 -10.68 -10.70
C ASP A 88 11.73 -11.52 -9.49
N VAL A 89 12.22 -12.71 -9.76
CA VAL A 89 12.71 -13.63 -8.70
C VAL A 89 14.21 -13.82 -8.90
N TYR A 90 14.99 -13.56 -7.84
CA TYR A 90 16.46 -13.73 -7.90
C TYR A 90 16.85 -14.90 -6.99
N SER A 91 17.83 -15.70 -7.40
CA SER A 91 18.47 -16.76 -6.58
C SER A 91 19.87 -16.30 -6.20
N TYR A 92 20.13 -16.12 -4.91
CA TYR A 92 21.50 -15.74 -4.44
C TYR A 92 22.46 -16.91 -4.64
N ASP A 93 21.96 -18.13 -4.54
CA ASP A 93 22.77 -19.38 -4.63
C ASP A 93 23.20 -19.55 -6.08
N GLU A 94 22.26 -19.42 -7.00
CA GLU A 94 22.55 -19.59 -8.44
C GLU A 94 23.08 -18.29 -9.04
N ASP A 95 22.98 -17.18 -8.30
CA ASP A 95 23.43 -15.84 -8.76
C ASP A 95 22.86 -15.56 -10.15
N ASP A 96 21.53 -15.57 -10.24
CA ASP A 96 20.81 -15.29 -11.50
C ASP A 96 19.36 -14.97 -11.20
N MET A 97 18.74 -14.23 -12.09
CA MET A 97 17.28 -14.12 -12.12
C MET A 97 16.77 -15.49 -12.54
N VAL A 98 15.72 -15.97 -11.90
CA VAL A 98 15.26 -17.38 -12.09
C VAL A 98 13.76 -17.40 -12.25
N LEU A 99 13.24 -18.52 -12.74
N LEU A 99 13.29 -18.56 -12.70
CA LEU A 99 11.79 -18.81 -12.77
CA LEU A 99 11.86 -18.98 -12.71
C LEU A 99 11.46 -19.71 -11.57
C LEU A 99 11.53 -19.72 -11.43
N ASP A 100 10.40 -19.38 -10.82
CA ASP A 100 9.86 -20.17 -9.71
C ASP A 100 8.50 -20.71 -10.17
N PRO A 101 8.41 -21.96 -10.70
CA PRO A 101 7.12 -22.49 -11.13
C PRO A 101 6.06 -22.51 -10.02
N SER A 102 6.49 -22.43 -8.75
CA SER A 102 5.62 -22.46 -7.55
C SER A 102 5.43 -21.05 -7.00
N LEU A 103 5.64 -20.03 -7.81
CA LEU A 103 5.56 -18.62 -7.34
C LEU A 103 4.19 -18.33 -6.70
N ALA A 104 3.07 -18.77 -7.29
CA ALA A 104 1.75 -18.37 -6.76
C ALA A 104 1.61 -18.91 -5.33
N GLU A 105 1.98 -20.18 -5.11
CA GLU A 105 1.92 -20.85 -3.79
C GLU A 105 2.87 -20.12 -2.84
N HIS A 106 4.09 -19.82 -3.29
CA HIS A 106 5.10 -19.13 -2.44
C HIS A 106 4.61 -17.76 -2.01
N LEU A 107 3.91 -17.03 -2.89
CA LEU A 107 3.38 -15.69 -2.54
C LEU A 107 2.11 -15.84 -1.68
N SER A 108 1.28 -16.84 -1.97
N SER A 108 1.28 -16.84 -1.97
CA SER A 108 0.06 -17.13 -1.18
CA SER A 108 0.05 -17.11 -1.18
C SER A 108 0.45 -17.34 0.30
C SER A 108 0.43 -17.38 0.29
N HIS A 109 1.62 -17.93 0.55
CA HIS A 109 2.14 -18.16 1.93
C HIS A 109 2.12 -16.85 2.73
N PHE A 110 2.39 -15.74 2.06
CA PHE A 110 2.51 -14.41 2.70
C PHE A 110 1.21 -13.60 2.55
N GLY A 111 0.15 -14.23 2.06
CA GLY A 111 -1.16 -13.60 1.85
C GLY A 111 -1.13 -12.65 0.66
N ILE A 112 -0.27 -12.94 -0.32
CA ILE A 112 -0.19 -12.13 -1.57
C ILE A 112 -0.95 -12.89 -2.66
N ASP A 113 -1.95 -12.26 -3.26
CA ASP A 113 -2.70 -12.80 -4.42
C ASP A 113 -2.15 -12.10 -5.66
N MET A 114 -1.25 -12.75 -6.39
CA MET A 114 -0.59 -12.10 -7.54
C MET A 114 -1.65 -11.86 -8.62
N LEU A 115 -2.65 -12.77 -8.72
CA LEU A 115 -3.77 -12.75 -9.71
C LEU A 115 -4.62 -11.50 -9.49
N LYS A 116 -4.71 -11.02 -8.24
CA LYS A 116 -5.01 -9.60 -7.92
C LYS A 116 -3.73 -8.80 -8.08
C VAL B 4 -9.97 30.02 4.54
N ARG B 5 -9.64 28.83 5.05
CA ARG B 5 -10.62 27.75 5.35
C ARG B 5 -11.11 27.93 6.79
N GLN B 6 -12.40 27.74 7.03
CA GLN B 6 -13.06 27.93 8.33
C GLN B 6 -13.27 26.57 8.98
N VAL B 7 -13.41 26.55 10.29
CA VAL B 7 -13.71 25.31 11.04
C VAL B 7 -15.12 24.82 10.67
N SER B 8 -15.22 23.54 10.28
CA SER B 8 -16.54 22.92 9.97
C SER B 8 -17.39 22.86 11.23
N LYS B 9 -18.69 23.13 11.10
CA LYS B 9 -19.64 23.06 12.23
C LYS B 9 -19.77 21.61 12.68
N HIS B 10 -19.31 20.64 11.86
CA HIS B 10 -19.43 19.19 12.15
C HIS B 10 -18.19 18.65 12.87
N ALA B 11 -17.10 19.39 12.91
CA ALA B 11 -15.77 18.81 13.25
C ALA B 11 -15.71 18.36 14.72
N PHE B 12 -16.17 19.16 15.69
CA PHE B 12 -16.02 18.75 17.10
C PHE B 12 -16.96 17.59 17.43
N SER B 13 -18.20 17.64 16.96
CA SER B 13 -19.33 16.75 17.32
C SER B 13 -19.40 15.51 16.42
N LEU B 14 -18.55 15.37 15.41
CA LEU B 14 -18.71 14.29 14.40
C LEU B 14 -18.82 12.93 15.12
N LYS B 15 -19.87 12.17 14.79
CA LYS B 15 -20.11 10.80 15.31
C LYS B 15 -19.55 9.81 14.29
N GLN B 16 -18.51 9.08 14.67
CA GLN B 16 -17.90 8.06 13.79
C GLN B 16 -18.45 6.67 14.16
N LEU B 17 -18.74 5.85 13.16
CA LEU B 17 -19.38 4.53 13.36
C LEU B 17 -18.44 3.53 14.02
N ASP B 18 -19.03 2.56 14.72
CA ASP B 18 -18.26 1.43 15.29
C ASP B 18 -17.72 0.54 14.18
N ASN B 19 -16.76 -0.32 14.54
CA ASN B 19 -16.19 -1.35 13.64
C ASN B 19 -15.59 -0.68 12.42
N PRO B 20 -14.82 0.42 12.57
CA PRO B 20 -14.14 1.02 11.42
C PRO B 20 -13.12 0.07 10.80
N ALA B 21 -12.92 0.21 9.49
CA ALA B 21 -11.80 -0.42 8.77
C ALA B 21 -10.49 0.17 9.31
N ARG B 22 -9.44 -0.64 9.29
CA ARG B 22 -8.06 -0.10 9.30
C ARG B 22 -7.78 0.39 7.89
N ILE B 23 -7.69 1.69 7.74
CA ILE B 23 -7.34 2.31 6.44
C ILE B 23 -5.84 2.22 6.26
N PRO B 24 -5.38 1.61 5.16
CA PRO B 24 -3.95 1.39 4.95
C PRO B 24 -3.24 2.70 4.64
N PRO B 25 -1.89 2.72 4.66
CA PRO B 25 -1.12 3.92 4.35
C PRO B 25 -0.89 4.21 2.86
N CYS B 26 -1.41 3.35 1.99
CA CYS B 26 -1.21 3.44 0.52
C CYS B 26 -2.22 2.54 -0.18
N GLY B 27 -2.31 2.67 -1.50
CA GLY B 27 -2.85 1.65 -2.42
C GLY B 27 -4.38 1.67 -2.44
N TRP B 28 -4.98 2.80 -2.09
CA TRP B 28 -6.46 2.95 -2.00
C TRP B 28 -7.08 2.86 -3.40
N LYS B 29 -8.31 2.36 -3.44
CA LYS B 29 -9.14 2.38 -4.67
C LYS B 29 -10.53 2.84 -4.27
N CYS B 30 -11.24 3.47 -5.20
CA CYS B 30 -12.69 3.72 -5.01
C CYS B 30 -13.39 2.37 -4.82
N SER B 31 -14.25 2.26 -3.82
CA SER B 31 -15.02 1.03 -3.51
C SER B 31 -15.87 0.64 -4.72
N LYS B 32 -16.28 1.65 -5.51
CA LYS B 32 -17.31 1.47 -6.55
C LYS B 32 -16.75 1.43 -7.96
N CYS B 33 -15.49 1.81 -8.19
CA CYS B 33 -14.93 1.83 -9.57
C CYS B 33 -13.42 1.66 -9.55
N ASP B 34 -12.77 1.78 -10.71
CA ASP B 34 -11.31 1.48 -10.83
C ASP B 34 -10.45 2.68 -10.40
N MET B 35 -11.04 3.81 -10.01
CA MET B 35 -10.17 5.01 -9.81
C MET B 35 -9.22 4.77 -8.64
N ARG B 36 -7.95 5.14 -8.82
CA ARG B 36 -6.90 5.08 -7.79
C ARG B 36 -6.44 6.49 -7.40
N GLU B 37 -7.02 7.52 -8.02
CA GLU B 37 -6.67 8.91 -7.69
C GLU B 37 -7.98 9.66 -7.40
N ASN B 38 -7.88 10.82 -6.76
CA ASN B 38 -9.08 11.65 -6.47
C ASN B 38 -10.06 10.85 -5.61
N LEU B 39 -9.56 10.35 -4.49
CA LEU B 39 -10.32 9.47 -3.58
C LEU B 39 -10.52 10.24 -2.29
N TRP B 40 -11.71 10.11 -1.74
CA TRP B 40 -12.21 10.83 -0.55
C TRP B 40 -12.62 9.82 0.50
N LEU B 41 -11.99 9.94 1.68
CA LEU B 41 -12.29 9.07 2.84
C LEU B 41 -13.37 9.74 3.66
N ASN B 42 -14.59 9.17 3.69
CA ASN B 42 -15.67 9.76 4.49
C ASN B 42 -15.34 9.55 5.99
N LEU B 43 -15.27 10.61 6.78
CA LEU B 43 -14.83 10.48 8.18
C LEU B 43 -15.87 9.77 9.05
N THR B 44 -17.13 9.70 8.66
CA THR B 44 -18.13 8.94 9.45
C THR B 44 -17.89 7.44 9.37
N ASP B 45 -17.71 6.90 8.17
CA ASP B 45 -17.79 5.43 7.99
C ASP B 45 -16.53 4.82 7.37
N GLY B 46 -15.51 5.62 7.03
CA GLY B 46 -14.28 5.12 6.38
C GLY B 46 -14.44 4.62 4.93
N SER B 47 -15.55 4.93 4.26
CA SER B 47 -15.74 4.61 2.82
C SER B 47 -14.66 5.41 2.06
N ILE B 48 -14.08 4.80 1.04
CA ILE B 48 -13.15 5.47 0.11
C ILE B 48 -13.81 5.46 -1.26
N LEU B 49 -14.12 6.64 -1.77
CA LEU B 49 -14.95 6.81 -2.99
C LEU B 49 -14.40 7.99 -3.78
N CYS B 50 -14.57 7.94 -5.09
CA CYS B 50 -13.99 8.96 -5.98
C CYS B 50 -14.75 10.28 -5.94
N GLY B 51 -14.03 11.32 -6.35
CA GLY B 51 -14.53 12.69 -6.39
C GLY B 51 -15.51 12.91 -7.52
N ARG B 52 -16.10 14.09 -7.51
CA ARG B 52 -17.29 14.34 -8.35
C ARG B 52 -16.83 14.71 -9.77
N ARG B 53 -17.75 14.56 -10.71
CA ARG B 53 -17.57 14.93 -12.13
C ARG B 53 -18.00 16.39 -12.28
N TYR B 54 -17.27 17.15 -13.08
CA TYR B 54 -17.63 18.53 -13.46
C TYR B 54 -18.03 18.57 -14.92
N PHE B 55 -18.71 19.64 -15.28
CA PHE B 55 -19.31 19.83 -16.62
C PHE B 55 -18.22 19.84 -17.69
N ASP B 56 -16.99 20.15 -17.35
CA ASP B 56 -15.85 20.21 -18.33
C ASP B 56 -15.24 18.82 -18.52
N GLY B 57 -15.77 17.76 -17.88
CA GLY B 57 -15.25 16.39 -18.03
C GLY B 57 -14.18 16.08 -17.02
N SER B 58 -13.79 17.05 -16.21
CA SER B 58 -12.76 16.83 -15.17
C SER B 58 -13.39 16.13 -13.95
N GLY B 59 -12.55 15.54 -13.13
CA GLY B 59 -12.96 14.97 -11.83
C GLY B 59 -13.22 13.47 -11.95
N GLY B 60 -13.90 12.89 -10.96
CA GLY B 60 -14.09 11.43 -10.93
C GLY B 60 -15.48 11.01 -11.32
N ASN B 61 -15.97 9.91 -10.74
CA ASN B 61 -17.24 9.27 -11.16
C ASN B 61 -18.34 9.46 -10.12
N ASN B 62 -18.23 10.49 -9.28
CA ASN B 62 -19.30 10.97 -8.34
C ASN B 62 -19.61 9.96 -7.24
N HIS B 63 -18.77 8.98 -6.95
CA HIS B 63 -19.15 7.98 -5.93
C HIS B 63 -19.18 8.58 -4.52
N ALA B 64 -18.22 9.43 -4.14
CA ALA B 64 -18.20 10.07 -2.80
C ALA B 64 -19.44 10.93 -2.62
N VAL B 65 -19.80 11.74 -3.63
CA VAL B 65 -20.96 12.67 -3.47
C VAL B 65 -22.28 11.88 -3.49
N GLU B 66 -22.38 10.83 -4.29
N GLU B 66 -22.36 10.81 -4.27
CA GLU B 66 -23.57 9.94 -4.24
CA GLU B 66 -23.54 9.91 -4.30
C GLU B 66 -23.70 9.40 -2.82
C GLU B 66 -23.70 9.30 -2.90
N HIS B 67 -22.58 8.98 -2.23
CA HIS B 67 -22.58 8.42 -0.86
C HIS B 67 -23.07 9.43 0.15
N TYR B 68 -22.65 10.69 0.03
CA TYR B 68 -23.17 11.76 0.89
C TYR B 68 -24.68 11.92 0.63
N ARG B 69 -25.09 11.92 -0.63
CA ARG B 69 -26.54 12.07 -0.93
C ARG B 69 -27.34 10.97 -0.21
N GLU B 70 -26.84 9.74 -0.22
CA GLU B 70 -27.54 8.59 0.41
C GLU B 70 -27.51 8.69 1.93
N THR B 71 -26.38 9.04 2.53
CA THR B 71 -26.14 8.84 3.99
C THR B 71 -26.28 10.10 4.81
N GLY B 72 -25.95 11.26 4.24
CA GLY B 72 -25.87 12.52 4.98
C GLY B 72 -24.57 12.71 5.74
N TYR B 73 -23.59 11.84 5.55
CA TYR B 73 -22.28 11.89 6.26
C TYR B 73 -21.42 12.97 5.62
N PRO B 74 -21.21 14.08 6.33
CA PRO B 74 -20.84 15.30 5.64
C PRO B 74 -19.37 15.57 5.38
N LEU B 75 -18.44 14.97 6.13
CA LEU B 75 -17.00 15.32 6.00
C LEU B 75 -16.20 14.22 5.31
N ALA B 76 -15.33 14.58 4.36
CA ALA B 76 -14.41 13.63 3.71
C ALA B 76 -13.05 14.28 3.48
N VAL B 77 -12.01 13.46 3.58
N VAL B 77 -12.01 13.45 3.57
CA VAL B 77 -10.60 13.91 3.43
CA VAL B 77 -10.59 13.87 3.43
C VAL B 77 -9.99 13.27 2.18
C VAL B 77 -10.00 13.26 2.16
N LYS B 78 -9.23 14.05 1.41
CA LYS B 78 -8.64 13.59 0.16
C LYS B 78 -7.42 12.72 0.46
N LEU B 79 -7.54 11.44 0.17
CA LEU B 79 -6.36 10.55 0.27
C LEU B 79 -5.22 11.10 -0.59
N GLY B 80 -4.00 10.91 -0.10
CA GLY B 80 -2.80 11.45 -0.77
C GLY B 80 -2.48 12.86 -0.31
N THR B 81 -3.35 13.54 0.48
CA THR B 81 -3.09 14.93 0.97
C THR B 81 -2.84 14.93 2.47
N ILE B 82 -2.88 13.76 3.11
CA ILE B 82 -2.65 13.67 4.57
C ILE B 82 -1.15 13.74 4.85
N THR B 83 -0.75 14.72 5.63
CA THR B 83 0.64 14.91 6.13
C THR B 83 0.60 15.25 7.61
N PRO B 84 1.77 15.32 8.29
CA PRO B 84 1.78 15.81 9.66
C PRO B 84 1.25 17.25 9.77
N ASP B 85 1.23 18.01 8.67
CA ASP B 85 0.87 19.45 8.66
C ASP B 85 -0.58 19.68 8.21
N GLY B 86 -1.29 18.65 7.73
CA GLY B 86 -2.75 18.75 7.53
C GLY B 86 -3.25 17.80 6.48
N ALA B 87 -4.35 18.19 5.84
CA ALA B 87 -5.07 17.38 4.83
C ALA B 87 -6.14 18.28 4.20
N ASP B 88 -6.57 17.94 2.97
CA ASP B 88 -7.70 18.58 2.31
C ASP B 88 -9.00 17.93 2.81
N VAL B 89 -9.78 18.66 3.60
CA VAL B 89 -11.08 18.20 4.14
C VAL B 89 -12.19 18.98 3.43
N TYR B 90 -13.19 18.27 2.91
CA TYR B 90 -14.36 18.91 2.25
C TYR B 90 -15.58 18.60 3.08
N SER B 91 -16.46 19.60 3.22
CA SER B 91 -17.78 19.43 3.86
C SER B 91 -18.86 19.47 2.79
N TYR B 92 -19.57 18.39 2.61
CA TYR B 92 -20.64 18.32 1.58
C TYR B 92 -21.80 19.25 1.94
N ASP B 93 -22.18 19.35 3.20
CA ASP B 93 -23.39 20.18 3.44
C ASP B 93 -23.02 21.65 3.64
N GLU B 94 -21.76 22.00 3.91
CA GLU B 94 -21.30 23.42 3.98
C GLU B 94 -20.74 23.86 2.63
N ASP B 95 -20.56 22.90 1.73
CA ASP B 95 -20.00 23.07 0.37
C ASP B 95 -18.77 23.99 0.48
N ASP B 96 -17.78 23.54 1.23
CA ASP B 96 -16.49 24.26 1.34
C ASP B 96 -15.43 23.26 1.74
N MET B 97 -14.20 23.57 1.38
CA MET B 97 -13.01 23.00 2.03
C MET B 97 -12.98 23.63 3.43
N VAL B 98 -12.76 22.82 4.46
CA VAL B 98 -12.97 23.21 5.87
C VAL B 98 -11.79 22.75 6.71
N LEU B 99 -11.70 23.32 7.89
CA LEU B 99 -10.72 22.82 8.87
C LEU B 99 -11.44 21.87 9.82
N ASP B 100 -10.76 20.80 10.21
CA ASP B 100 -11.21 19.86 11.25
C ASP B 100 -10.15 19.86 12.35
N PRO B 101 -10.30 20.71 13.38
CA PRO B 101 -9.35 20.71 14.50
C PRO B 101 -9.19 19.36 15.21
N SER B 102 -10.15 18.43 15.04
CA SER B 102 -10.11 17.08 15.64
C SER B 102 -9.60 16.05 14.63
N LEU B 103 -8.98 16.49 13.53
CA LEU B 103 -8.67 15.59 12.39
C LEU B 103 -7.77 14.44 12.87
N ALA B 104 -6.78 14.70 13.73
CA ALA B 104 -5.85 13.62 14.17
C ALA B 104 -6.65 12.48 14.82
N GLU B 105 -7.65 12.84 15.62
N GLU B 105 -7.68 12.80 15.61
CA GLU B 105 -8.55 11.90 16.31
CA GLU B 105 -8.50 11.76 16.31
C GLU B 105 -9.37 11.14 15.27
C GLU B 105 -9.46 11.12 15.30
N HIS B 106 -10.00 11.88 14.36
CA HIS B 106 -10.91 11.32 13.32
C HIS B 106 -10.11 10.30 12.49
N LEU B 107 -8.85 10.58 12.22
CA LEU B 107 -8.04 9.65 11.39
C LEU B 107 -7.57 8.47 12.25
N SER B 108 -7.25 8.72 13.51
CA SER B 108 -6.86 7.63 14.45
C SER B 108 -7.97 6.57 14.57
N HIS B 109 -9.24 6.96 14.49
CA HIS B 109 -10.40 6.04 14.47
C HIS B 109 -10.14 4.93 13.43
N PHE B 110 -9.52 5.27 12.31
CA PHE B 110 -9.26 4.36 11.17
C PHE B 110 -7.85 3.78 11.25
N GLY B 111 -7.13 3.97 12.35
CA GLY B 111 -5.76 3.44 12.50
C GLY B 111 -4.76 4.17 11.61
N ILE B 112 -5.07 5.39 11.19
CA ILE B 112 -4.20 6.21 10.33
C ILE B 112 -3.26 7.00 11.25
N ASP B 113 -1.96 6.92 10.98
CA ASP B 113 -0.92 7.79 11.59
C ASP B 113 -0.58 8.83 10.54
N MET B 114 -0.80 10.10 10.83
CA MET B 114 -0.64 11.15 9.80
C MET B 114 0.84 11.28 9.35
N LEU B 115 1.79 10.70 10.07
CA LEU B 115 3.21 10.60 9.60
C LEU B 115 3.37 9.48 8.55
N LYS B 116 2.44 8.54 8.47
CA LYS B 116 2.57 7.30 7.66
C LYS B 116 1.39 7.18 6.71
N MET B 117 1.22 8.16 5.81
CA MET B 117 0.23 8.09 4.71
C MET B 117 0.94 8.50 3.42
N GLN B 118 0.85 7.70 2.35
CA GLN B 118 1.53 8.00 1.07
C GLN B 118 1.04 9.38 0.59
N LYS B 119 1.97 10.28 0.30
CA LYS B 119 1.69 11.63 -0.26
C LYS B 119 1.60 11.51 -1.79
N THR B 120 0.65 12.20 -2.42
CA THR B 120 0.45 12.19 -3.89
C THR B 120 0.25 13.63 -4.38
#